data_6ZN6
#
_entry.id   6ZN6
#
_cell.length_a   70.525
_cell.length_b   73.193
_cell.length_c   105.024
_cell.angle_alpha   90.000
_cell.angle_beta   90.000
_cell.angle_gamma   90.000
#
_symmetry.space_group_name_H-M   'C 2 2 21'
#
loop_
_entity.id
_entity.type
_entity.pdbx_description
1 polymer 'Protein polybromo-1'
2 non-polymer 2-[6-azanyl-5-[(3~{R})-3-phenoxypiperidin-1-yl]pyridazin-3-yl]phenol
3 non-polymer 1,2-ETHANEDIOL
4 water water
#
_entity_poly.entity_id   1
_entity_poly.type   'polypeptide(L)'
_entity_poly.pdbx_seq_one_letter_code
;SMSPAYLKEILEQLLEAIVVATNPSGRLISELFQKLPSKVQYPDYYAIIKEPIDLKTIAQRIQNGSYKSIHAMAKDIDLL
AKNAKTYNEPGSQVFKDANSIKKIFYMKKAEIEHHE
;
_entity_poly.pdbx_strand_id   A,B
#
loop_
_chem_comp.id
_chem_comp.type
_chem_comp.name
_chem_comp.formula
EDO non-polymer 1,2-ETHANEDIOL 'C2 H6 O2'
QMT non-polymer 2-[6-azanyl-5-[(3~{R})-3-phenoxypiperidin-1-yl]pyridazin-3-yl]phenol 'C21 H22 N4 O2'
#
# COMPACT_ATOMS: atom_id res chain seq x y z
N MET A 2 -15.98 -11.13 -6.27
CA MET A 2 -15.14 -10.69 -7.38
C MET A 2 -15.10 -11.73 -8.51
N SER A 3 -15.63 -11.34 -9.67
CA SER A 3 -15.65 -12.26 -10.80
C SER A 3 -14.24 -12.44 -11.34
N PRO A 4 -13.97 -13.56 -12.01
CA PRO A 4 -12.71 -13.69 -12.76
C PRO A 4 -12.41 -12.49 -13.65
N ALA A 5 -13.41 -11.99 -14.40
CA ALA A 5 -13.18 -10.89 -15.31
C ALA A 5 -12.81 -9.61 -14.55
N TYR A 6 -13.51 -9.37 -13.44
CA TYR A 6 -13.18 -8.23 -12.60
C TYR A 6 -11.78 -8.34 -12.02
N LEU A 7 -11.44 -9.51 -11.46
CA LEU A 7 -10.10 -9.69 -10.91
C LEU A 7 -9.03 -9.43 -11.96
N LYS A 8 -9.24 -9.96 -13.18
CA LYS A 8 -8.29 -9.74 -14.27
C LYS A 8 -8.04 -8.26 -14.51
N GLU A 9 -9.10 -7.44 -14.55
CA GLU A 9 -8.89 -6.00 -14.70
C GLU A 9 -8.01 -5.48 -13.58
N ILE A 10 -8.25 -5.91 -12.35
CA ILE A 10 -7.44 -5.46 -11.22
C ILE A 10 -5.98 -5.83 -11.44
N LEU A 11 -5.72 -7.09 -11.78
CA LEU A 11 -4.33 -7.53 -11.95
C LEU A 11 -3.66 -6.82 -13.11
N GLU A 12 -4.41 -6.59 -14.20
CA GLU A 12 -3.87 -5.82 -15.33
C GLU A 12 -3.47 -4.40 -14.90
N GLN A 13 -4.26 -3.77 -14.03
CA GLN A 13 -3.90 -2.45 -13.51
C GLN A 13 -2.63 -2.52 -12.70
N LEU A 14 -2.52 -3.53 -11.83
CA LEU A 14 -1.33 -3.67 -11.02
C LEU A 14 -0.09 -3.83 -11.89
N LEU A 15 -0.16 -4.77 -12.85
CA LEU A 15 0.95 -4.94 -13.78
C LEU A 15 1.21 -3.66 -14.57
N GLU A 16 0.15 -3.00 -15.05
CA GLU A 16 0.34 -1.79 -15.84
C GLU A 16 1.16 -0.76 -15.05
N ALA A 17 0.79 -0.55 -13.78
CA ALA A 17 1.53 0.41 -12.96
C ALA A 17 3.00 0.05 -12.85
N ILE A 18 3.33 -1.25 -12.82
CA ILE A 18 4.74 -1.66 -12.76
C ILE A 18 5.46 -1.29 -14.06
N VAL A 19 4.82 -1.56 -15.21
CA VAL A 19 5.56 -1.49 -16.46
C VAL A 19 5.57 -0.10 -17.05
N VAL A 20 4.76 0.83 -16.52
CA VAL A 20 4.81 2.23 -16.95
C VAL A 20 5.62 3.07 -15.99
N ALA A 21 5.97 2.53 -14.82
CA ALA A 21 6.69 3.30 -13.80
C ALA A 21 8.07 3.73 -14.32
N THR A 22 8.36 5.02 -14.18
CA THR A 22 9.64 5.60 -14.53
C THR A 22 10.35 6.11 -13.28
N ASN A 23 11.68 6.11 -13.33
CA ASN A 23 12.51 6.58 -12.23
C ASN A 23 12.55 8.12 -12.29
N PRO A 24 13.34 8.78 -11.43
CA PRO A 24 13.43 10.25 -11.56
C PRO A 24 14.05 10.68 -12.89
N SER A 25 14.91 9.84 -13.47
CA SER A 25 15.58 10.16 -14.72
C SER A 25 14.69 9.98 -15.94
N GLY A 26 13.51 9.37 -15.79
CA GLY A 26 12.63 9.08 -16.89
C GLY A 26 12.73 7.67 -17.44
N ARG A 27 13.65 6.86 -16.94
CA ARG A 27 13.83 5.49 -17.43
C ARG A 27 12.74 4.57 -16.89
N LEU A 28 12.37 3.57 -17.69
CA LEU A 28 11.36 2.59 -17.31
C LEU A 28 12.03 1.43 -16.59
N ILE A 29 11.83 1.38 -15.27
CA ILE A 29 12.53 0.39 -14.47
C ILE A 29 12.08 -1.05 -14.74
N SER A 30 10.93 -1.26 -15.40
CA SER A 30 10.43 -2.63 -15.57
C SER A 30 11.23 -3.43 -16.60
N GLU A 31 11.88 -2.75 -17.55
CA GLU A 31 12.35 -3.41 -18.77
C GLU A 31 13.27 -4.60 -18.47
N LEU A 32 14.24 -4.42 -17.57
CA LEU A 32 15.18 -5.51 -17.32
C LEU A 32 14.46 -6.75 -16.81
N PHE A 33 13.35 -6.56 -16.12
CA PHE A 33 12.64 -7.67 -15.50
C PHE A 33 11.62 -8.35 -16.44
N GLN A 34 11.52 -7.91 -17.69
CA GLN A 34 10.55 -8.50 -18.60
C GLN A 34 10.86 -9.97 -18.86
N LYS A 35 12.11 -10.27 -19.23
CA LYS A 35 12.48 -11.59 -19.70
C LYS A 35 13.71 -12.05 -18.95
N LEU A 36 13.65 -13.27 -18.40
CA LEU A 36 14.74 -13.86 -17.65
C LEU A 36 16.03 -13.80 -18.45
N PRO A 37 17.18 -13.72 -17.79
CA PRO A 37 18.44 -13.76 -18.54
C PRO A 37 18.68 -15.13 -19.14
N SER A 38 19.29 -15.13 -20.33
CA SER A 38 19.54 -16.37 -21.05
C SER A 38 20.34 -17.37 -20.23
N LYS A 39 19.96 -18.64 -20.31
CA LYS A 39 20.69 -19.69 -19.60
C LYS A 39 22.07 -19.93 -20.23
N VAL A 40 22.24 -19.62 -21.51
CA VAL A 40 23.55 -19.77 -22.15
C VAL A 40 24.53 -18.73 -21.62
N GLN A 41 24.12 -17.45 -21.61
CA GLN A 41 25.03 -16.39 -21.18
C GLN A 41 25.17 -16.31 -19.66
N TYR A 42 24.13 -16.66 -18.91
CA TYR A 42 24.10 -16.45 -17.47
C TYR A 42 23.74 -17.72 -16.71
N PRO A 43 24.57 -18.77 -16.82
CA PRO A 43 24.30 -19.98 -16.03
C PRO A 43 24.34 -19.73 -14.54
N ASP A 44 25.17 -18.78 -14.08
CA ASP A 44 25.27 -18.50 -12.65
C ASP A 44 23.91 -18.09 -12.08
N TYR A 45 23.12 -17.31 -12.85
CA TYR A 45 21.78 -16.94 -12.39
C TYR A 45 20.98 -18.18 -12.01
N TYR A 46 20.98 -19.17 -12.90
CA TYR A 46 20.21 -20.38 -12.64
C TYR A 46 20.87 -21.28 -11.63
N ALA A 47 22.19 -21.14 -11.43
CA ALA A 47 22.85 -21.82 -10.32
C ALA A 47 22.29 -21.34 -8.98
N ILE A 48 21.96 -20.06 -8.89
CA ILE A 48 21.57 -19.45 -7.62
C ILE A 48 20.06 -19.43 -7.43
N ILE A 49 19.30 -19.13 -8.49
CA ILE A 49 17.87 -18.84 -8.39
C ILE A 49 17.09 -20.14 -8.64
N LYS A 50 16.50 -20.69 -7.58
CA LYS A 50 15.77 -21.95 -7.68
C LYS A 50 14.46 -21.81 -8.44
N GLU A 51 13.77 -20.66 -8.35
CA GLU A 51 12.49 -20.45 -9.00
C GLU A 51 12.54 -19.20 -9.86
N PRO A 52 13.12 -19.28 -11.05
CA PRO A 52 13.16 -18.11 -11.93
C PRO A 52 11.78 -17.69 -12.34
N ILE A 53 11.54 -16.37 -12.36
CA ILE A 53 10.28 -15.83 -12.85
C ILE A 53 10.59 -14.44 -13.40
N ASP A 54 9.77 -13.98 -14.37
CA ASP A 54 9.95 -12.66 -14.96
C ASP A 54 8.58 -12.04 -15.24
N LEU A 55 8.57 -10.78 -15.65
CA LEU A 55 7.28 -10.10 -15.81
C LEU A 55 6.47 -10.65 -16.98
N LYS A 56 7.13 -11.15 -18.03
CA LYS A 56 6.38 -11.75 -19.14
C LYS A 56 5.60 -12.99 -18.69
N THR A 57 6.21 -13.80 -17.82
CA THR A 57 5.52 -14.96 -17.25
C THR A 57 4.35 -14.52 -16.37
N ILE A 58 4.58 -13.52 -15.51
CA ILE A 58 3.51 -12.97 -14.70
C ILE A 58 2.37 -12.48 -15.59
N ALA A 59 2.72 -11.81 -16.70
CA ALA A 59 1.72 -11.30 -17.64
C ALA A 59 0.92 -12.45 -18.27
N GLN A 60 1.61 -13.51 -18.70
CA GLN A 60 0.93 -14.70 -19.22
C GLN A 60 -0.10 -15.22 -18.21
N ARG A 61 0.32 -15.32 -16.94
CA ARG A 61 -0.53 -15.88 -15.90
C ARG A 61 -1.78 -15.03 -15.67
N ILE A 62 -1.63 -13.70 -15.66
CA ILE A 62 -2.80 -12.83 -15.65
C ILE A 62 -3.70 -13.16 -16.83
N GLN A 63 -3.11 -13.25 -18.04
CA GLN A 63 -3.91 -13.47 -19.24
C GLN A 63 -4.58 -14.85 -19.24
N ASN A 64 -3.95 -15.86 -18.64
CA ASN A 64 -4.53 -17.20 -18.58
C ASN A 64 -5.47 -17.40 -17.39
N GLY A 65 -5.64 -16.41 -16.54
CA GLY A 65 -6.48 -16.60 -15.36
C GLY A 65 -5.86 -17.44 -14.26
N SER A 66 -4.52 -17.63 -14.29
CA SER A 66 -3.86 -18.52 -13.35
C SER A 66 -3.89 -18.00 -11.91
N TYR A 67 -3.97 -16.68 -11.73
CA TYR A 67 -4.03 -16.12 -10.39
C TYR A 67 -5.48 -16.09 -9.96
N LYS A 68 -5.77 -16.65 -8.77
CA LYS A 68 -7.13 -16.70 -8.25
C LYS A 68 -7.41 -15.61 -7.23
N SER A 69 -6.45 -14.73 -6.98
CA SER A 69 -6.64 -13.60 -6.09
C SER A 69 -5.50 -12.62 -6.35
N ILE A 70 -5.64 -11.42 -5.78
CA ILE A 70 -4.54 -10.46 -5.82
C ILE A 70 -3.31 -11.01 -5.09
N HIS A 71 -3.55 -11.71 -3.98
CA HIS A 71 -2.46 -12.25 -3.19
C HIS A 71 -1.61 -13.22 -4.01
N ALA A 72 -2.25 -14.04 -4.84
CA ALA A 72 -1.51 -14.95 -5.71
C ALA A 72 -0.52 -14.19 -6.59
N MET A 73 -0.95 -13.07 -7.16
CA MET A 73 -0.04 -12.28 -7.98
C MET A 73 1.07 -11.65 -7.13
N ALA A 74 0.73 -11.14 -5.93
CA ALA A 74 1.74 -10.58 -5.03
C ALA A 74 2.84 -11.60 -4.71
N LYS A 75 2.48 -12.87 -4.51
CA LYS A 75 3.49 -13.88 -4.24
C LYS A 75 4.55 -13.92 -5.36
N ASP A 76 4.11 -13.87 -6.62
CA ASP A 76 5.04 -13.88 -7.74
C ASP A 76 5.84 -12.59 -7.83
N ILE A 77 5.22 -11.45 -7.50
CA ILE A 77 5.96 -10.20 -7.45
C ILE A 77 7.05 -10.27 -6.39
N ASP A 78 6.71 -10.81 -5.20
CA ASP A 78 7.71 -10.97 -4.15
C ASP A 78 8.84 -11.89 -4.60
N LEU A 79 8.48 -13.03 -5.19
CA LEU A 79 9.47 -13.99 -5.71
C LEU A 79 10.43 -13.31 -6.69
N LEU A 80 9.88 -12.57 -7.64
CA LEU A 80 10.71 -11.92 -8.64
C LEU A 80 11.69 -10.95 -7.99
N ALA A 81 11.18 -10.12 -7.06
CA ALA A 81 12.05 -9.15 -6.41
C ALA A 81 13.09 -9.81 -5.50
N LYS A 82 12.72 -10.89 -4.81
CA LYS A 82 13.69 -11.55 -3.95
C LYS A 82 14.76 -12.26 -4.78
N ASN A 83 14.37 -12.86 -5.91
CA ASN A 83 15.34 -13.41 -6.84
C ASN A 83 16.32 -12.34 -7.28
N ALA A 84 15.81 -11.21 -7.77
CA ALA A 84 16.68 -10.11 -8.16
C ALA A 84 17.59 -9.66 -7.03
N LYS A 85 17.06 -9.58 -5.81
CA LYS A 85 17.82 -9.09 -4.67
C LYS A 85 18.79 -10.15 -4.12
N THR A 86 18.70 -11.39 -4.60
CA THR A 86 19.64 -12.45 -4.28
C THR A 86 20.82 -12.46 -5.24
N TYR A 87 20.54 -12.38 -6.54
CA TYR A 87 21.59 -12.46 -7.54
C TYR A 87 22.41 -11.17 -7.61
N ASN A 88 21.84 -10.04 -7.20
CA ASN A 88 22.49 -8.75 -7.29
C ASN A 88 22.69 -8.18 -5.89
N GLU A 89 23.76 -7.39 -5.73
CA GLU A 89 24.17 -6.88 -4.43
C GLU A 89 23.23 -5.77 -3.96
N PRO A 90 23.13 -5.55 -2.65
CA PRO A 90 22.40 -4.37 -2.17
C PRO A 90 22.98 -3.11 -2.79
N GLY A 91 22.10 -2.16 -3.13
CA GLY A 91 22.53 -0.92 -3.73
C GLY A 91 22.88 -0.96 -5.20
N SER A 92 23.04 -2.14 -5.80
CA SER A 92 23.16 -2.24 -7.25
C SER A 92 21.85 -1.79 -7.90
N GLN A 93 21.93 -1.31 -9.15
CA GLN A 93 20.73 -0.80 -9.81
C GLN A 93 19.62 -1.84 -9.89
N VAL A 94 19.97 -3.11 -10.17
CA VAL A 94 18.91 -4.14 -10.26
C VAL A 94 18.22 -4.32 -8.91
N PHE A 95 19.01 -4.43 -7.84
CA PHE A 95 18.48 -4.56 -6.48
C PHE A 95 17.53 -3.41 -6.16
N LYS A 96 17.97 -2.17 -6.42
CA LYS A 96 17.14 -0.99 -6.15
C LYS A 96 15.88 -0.98 -7.01
N ASP A 97 16.02 -1.29 -8.31
CA ASP A 97 14.84 -1.35 -9.17
C ASP A 97 13.86 -2.44 -8.74
N ALA A 98 14.37 -3.55 -8.21
CA ALA A 98 13.50 -4.62 -7.72
C ALA A 98 12.65 -4.12 -6.56
N ASN A 99 13.25 -3.40 -5.62
CA ASN A 99 12.45 -2.83 -4.54
C ASN A 99 11.43 -1.83 -5.07
N SER A 100 11.86 -0.97 -6.02
CA SER A 100 10.95 0.01 -6.61
C SER A 100 9.74 -0.65 -7.27
N ILE A 101 9.94 -1.78 -7.94
CA ILE A 101 8.82 -2.51 -8.53
C ILE A 101 7.86 -2.98 -7.44
N LYS A 102 8.41 -3.56 -6.38
CA LYS A 102 7.57 -3.97 -5.25
C LYS A 102 6.82 -2.78 -4.68
N LYS A 103 7.53 -1.66 -4.49
CA LYS A 103 6.90 -0.45 -3.98
C LYS A 103 5.72 -0.06 -4.85
N ILE A 104 5.94 0.00 -6.16
CA ILE A 104 4.88 0.42 -7.08
C ILE A 104 3.70 -0.52 -6.97
N PHE A 105 3.96 -1.83 -6.92
CA PHE A 105 2.89 -2.81 -6.85
C PHE A 105 2.07 -2.64 -5.58
N TYR A 106 2.74 -2.55 -4.43
CA TYR A 106 1.98 -2.52 -3.18
C TYR A 106 1.24 -1.19 -2.99
N MET A 107 1.83 -0.08 -3.46
CA MET A 107 1.12 1.19 -3.45
C MET A 107 -0.16 1.11 -4.27
N LYS A 108 -0.06 0.59 -5.51
CA LYS A 108 -1.23 0.51 -6.37
C LYS A 108 -2.24 -0.49 -5.82
N LYS A 109 -1.75 -1.58 -5.24
CA LYS A 109 -2.65 -2.54 -4.57
C LYS A 109 -3.43 -1.87 -3.44
N ALA A 110 -2.77 -1.01 -2.66
CA ALA A 110 -3.46 -0.32 -1.57
C ALA A 110 -4.41 0.73 -2.12
N GLU A 111 -4.06 1.34 -3.25
CA GLU A 111 -4.95 2.31 -3.90
C GLU A 111 -6.24 1.63 -4.35
N ILE A 112 -6.12 0.41 -4.88
CA ILE A 112 -7.27 -0.31 -5.41
C ILE A 112 -8.12 -0.87 -4.27
N GLU A 113 -7.48 -1.48 -3.27
CA GLU A 113 -8.17 -2.17 -2.18
C GLU A 113 -8.86 -1.25 -1.18
N HIS A 114 -8.76 0.07 -1.32
CA HIS A 114 -9.33 1.00 -0.31
C HIS A 114 -10.01 2.21 -0.94
N MET B 2 13.01 -1.37 14.67
CA MET B 2 13.64 -0.07 14.54
C MET B 2 13.54 0.69 15.86
N SER B 3 14.30 1.76 15.98
CA SER B 3 14.34 2.52 17.23
C SER B 3 13.03 3.26 17.42
N PRO B 4 12.69 3.60 18.67
CA PRO B 4 11.44 4.37 18.89
C PRO B 4 11.46 5.74 18.22
N ALA B 5 12.62 6.39 18.16
CA ALA B 5 12.68 7.68 17.47
C ALA B 5 12.41 7.52 15.96
N TYR B 6 12.94 6.45 15.35
CA TYR B 6 12.74 6.29 13.92
C TYR B 6 11.29 5.93 13.61
N LEU B 7 10.70 5.03 14.39
CA LEU B 7 9.30 4.68 14.19
C LEU B 7 8.42 5.91 14.32
N LYS B 8 8.70 6.78 15.29
CA LYS B 8 7.88 7.99 15.48
C LYS B 8 7.85 8.83 14.22
N GLU B 9 9.01 9.00 13.58
CA GLU B 9 9.10 9.74 12.31
C GLU B 9 8.27 9.06 11.22
N ILE B 10 8.24 7.72 11.21
CA ILE B 10 7.37 7.01 10.27
C ILE B 10 5.90 7.31 10.56
N LEU B 11 5.49 7.14 11.81
CA LEU B 11 4.09 7.39 12.15
C LEU B 11 3.70 8.84 11.85
N GLU B 12 4.61 9.79 12.08
CA GLU B 12 4.32 11.20 11.76
C GLU B 12 4.17 11.41 10.26
N GLN B 13 4.91 10.65 9.44
CA GLN B 13 4.74 10.76 8.00
C GLN B 13 3.40 10.20 7.55
N LEU B 14 2.95 9.12 8.20
CA LEU B 14 1.66 8.57 7.81
C LEU B 14 0.54 9.51 8.22
N LEU B 15 0.62 10.07 9.43
CA LEU B 15 -0.40 11.02 9.88
C LEU B 15 -0.39 12.26 9.01
N GLU B 16 0.80 12.74 8.63
CA GLU B 16 0.88 13.89 7.73
C GLU B 16 0.15 13.62 6.43
N ALA B 17 0.41 12.46 5.80
CA ALA B 17 -0.27 12.15 4.55
C ALA B 17 -1.78 12.26 4.71
N ILE B 18 -2.31 11.88 5.88
CA ILE B 18 -3.76 11.92 6.08
C ILE B 18 -4.24 13.36 6.23
N VAL B 19 -3.54 14.16 7.02
CA VAL B 19 -4.09 15.47 7.34
C VAL B 19 -3.88 16.49 6.23
N VAL B 20 -2.91 16.29 5.32
CA VAL B 20 -2.74 17.24 4.22
C VAL B 20 -3.55 16.87 2.99
N ALA B 21 -4.09 15.66 2.92
CA ALA B 21 -4.80 15.19 1.73
C ALA B 21 -6.04 16.05 1.46
N THR B 22 -6.28 16.31 0.17
CA THR B 22 -7.44 17.08 -0.27
C THR B 22 -8.21 16.28 -1.32
N ASN B 23 -9.51 16.53 -1.37
CA ASN B 23 -10.38 15.88 -2.35
C ASN B 23 -10.31 16.64 -3.68
N PRO B 24 -11.08 16.24 -4.70
CA PRO B 24 -11.06 17.04 -5.94
C PRO B 24 -11.53 18.48 -5.75
N SER B 25 -12.50 18.71 -4.86
CA SER B 25 -12.89 20.08 -4.55
C SER B 25 -11.73 20.89 -4.00
N GLY B 26 -10.77 20.23 -3.33
CA GLY B 26 -9.63 20.91 -2.74
C GLY B 26 -9.66 21.03 -1.23
N ARG B 27 -10.70 20.53 -0.55
CA ARG B 27 -10.77 20.67 0.90
C ARG B 27 -10.11 19.47 1.57
N LEU B 28 -9.61 19.70 2.78
CA LEU B 28 -8.98 18.63 3.54
C LEU B 28 -10.02 17.63 3.99
N ILE B 29 -9.92 16.39 3.51
CA ILE B 29 -10.84 15.35 3.96
C ILE B 29 -10.64 14.97 5.42
N SER B 30 -9.53 15.37 6.03
CA SER B 30 -9.28 14.97 7.42
C SER B 30 -10.08 15.77 8.44
N GLU B 31 -10.44 17.02 8.12
CA GLU B 31 -10.88 17.99 9.14
C GLU B 31 -11.95 17.42 10.06
N LEU B 32 -12.99 16.78 9.49
CA LEU B 32 -14.09 16.28 10.31
C LEU B 32 -13.63 15.20 11.29
N PHE B 33 -12.59 14.45 10.96
CA PHE B 33 -12.18 13.35 11.80
C PHE B 33 -11.24 13.77 12.93
N GLN B 34 -10.96 15.07 13.05
CA GLN B 34 -10.00 15.50 14.04
C GLN B 34 -10.51 15.27 15.45
N LYS B 35 -11.74 15.74 15.74
CA LYS B 35 -12.32 15.68 17.08
C LYS B 35 -13.66 14.96 17.03
N LEU B 36 -13.81 13.92 17.84
CA LEU B 36 -15.07 13.22 18.03
C LEU B 36 -16.22 14.19 18.25
N PRO B 37 -17.44 13.85 17.83
CA PRO B 37 -18.59 14.74 18.07
C PRO B 37 -19.00 14.73 19.54
N SER B 38 -19.59 15.85 19.96
CA SER B 38 -20.12 16.03 21.33
C SER B 38 -20.99 14.86 21.78
N LYS B 39 -20.70 14.31 22.97
CA LYS B 39 -21.60 13.32 23.58
C LYS B 39 -22.95 13.94 23.95
N VAL B 40 -22.96 15.23 24.30
CA VAL B 40 -24.21 15.92 24.63
C VAL B 40 -25.06 16.06 23.38
N GLN B 41 -24.45 16.47 22.27
CA GLN B 41 -25.21 16.75 21.05
C GLN B 41 -25.44 15.52 20.22
N TYR B 42 -24.54 14.53 20.29
CA TYR B 42 -24.65 13.33 19.46
C TYR B 42 -24.61 12.08 20.33
N PRO B 43 -25.58 11.91 21.24
CA PRO B 43 -25.65 10.66 22.00
C PRO B 43 -25.88 9.45 21.12
N ASP B 44 -26.48 9.64 19.93
CA ASP B 44 -26.70 8.56 18.99
C ASP B 44 -25.38 7.99 18.47
N TYR B 45 -24.35 8.83 18.31
CA TYR B 45 -23.06 8.30 17.89
C TYR B 45 -22.52 7.31 18.91
N TYR B 46 -22.50 7.70 20.19
CA TYR B 46 -21.94 6.83 21.21
C TYR B 46 -22.86 5.64 21.53
N ALA B 47 -24.16 5.75 21.20
CA ALA B 47 -25.05 4.60 21.39
C ALA B 47 -24.64 3.41 20.54
N ILE B 48 -24.06 3.64 19.36
CA ILE B 48 -23.66 2.57 18.48
C ILE B 48 -22.15 2.37 18.44
N ILE B 49 -21.36 3.42 18.60
CA ILE B 49 -19.90 3.36 18.47
C ILE B 49 -19.34 3.14 19.87
N LYS B 50 -18.80 1.94 20.12
CA LYS B 50 -18.38 1.56 21.46
C LYS B 50 -16.91 1.81 21.73
N GLU B 51 -16.08 1.93 20.70
CA GLU B 51 -14.68 2.30 20.83
C GLU B 51 -14.42 3.57 20.03
N PRO B 52 -14.93 4.72 20.49
CA PRO B 52 -14.72 5.96 19.72
C PRO B 52 -13.25 6.35 19.69
N ILE B 53 -12.83 6.89 18.55
CA ILE B 53 -11.46 7.37 18.35
C ILE B 53 -11.48 8.45 17.28
N ASP B 54 -10.56 9.42 17.40
CA ASP B 54 -10.40 10.49 16.42
C ASP B 54 -8.91 10.67 16.09
N LEU B 55 -8.61 11.58 15.14
CA LEU B 55 -7.22 11.80 14.73
C LEU B 55 -6.43 12.55 15.79
N LYS B 56 -7.11 13.42 16.56
CA LYS B 56 -6.46 14.06 17.71
C LYS B 56 -5.90 13.02 18.67
N THR B 57 -6.70 12.00 18.99
CA THR B 57 -6.23 10.91 19.85
C THR B 57 -5.06 10.17 19.19
N ILE B 58 -5.21 9.83 17.92
CA ILE B 58 -4.15 9.10 17.23
C ILE B 58 -2.86 9.92 17.24
N ALA B 59 -2.97 11.22 16.90
CA ALA B 59 -1.83 12.12 16.96
C ALA B 59 -1.17 12.11 18.34
N GLN B 60 -1.98 12.12 19.42
CA GLN B 60 -1.42 12.11 20.77
C GLN B 60 -0.68 10.81 21.03
N ARG B 61 -1.24 9.69 20.56
CA ARG B 61 -0.59 8.40 20.77
C ARG B 61 0.75 8.33 20.06
N ILE B 62 0.85 8.94 18.89
CA ILE B 62 2.17 9.03 18.24
C ILE B 62 3.14 9.84 19.09
N GLN B 63 2.67 10.96 19.66
CA GLN B 63 3.55 11.83 20.44
C GLN B 63 3.93 11.20 21.77
N ASN B 64 3.08 10.34 22.31
CA ASN B 64 3.34 9.67 23.59
C ASN B 64 4.12 8.37 23.42
N GLY B 65 4.42 7.97 22.17
CA GLY B 65 5.09 6.71 21.94
C GLY B 65 4.23 5.48 22.15
N SER B 66 2.89 5.61 22.08
CA SER B 66 2.01 4.52 22.46
C SER B 66 1.99 3.41 21.42
N TYR B 67 2.19 3.74 20.15
CA TYR B 67 2.22 2.74 19.09
C TYR B 67 3.62 2.12 19.03
N LYS B 68 3.72 0.81 19.21
CA LYS B 68 5.00 0.11 19.14
C LYS B 68 5.32 -0.41 17.75
N SER B 69 4.40 -0.28 16.80
CA SER B 69 4.62 -0.71 15.43
C SER B 69 3.68 0.09 14.53
N ILE B 70 4.03 0.15 13.25
CA ILE B 70 3.12 0.68 12.24
C ILE B 70 1.77 -0.03 12.32
N HIS B 71 1.79 -1.35 12.49
CA HIS B 71 0.54 -2.11 12.56
C HIS B 71 -0.34 -1.62 13.71
N ALA B 72 0.27 -1.21 14.83
CA ALA B 72 -0.53 -0.66 15.93
C ALA B 72 -1.28 0.59 15.50
N MET B 73 -0.63 1.47 14.73
CA MET B 73 -1.34 2.64 14.26
C MET B 73 -2.41 2.26 13.24
N ALA B 74 -2.09 1.33 12.32
CA ALA B 74 -3.05 0.89 11.32
C ALA B 74 -4.35 0.38 11.94
N LYS B 75 -4.26 -0.32 13.07
CA LYS B 75 -5.46 -0.80 13.74
C LYS B 75 -6.33 0.39 14.18
N ASP B 76 -5.71 1.48 14.63
CA ASP B 76 -6.51 2.64 15.04
C ASP B 76 -7.09 3.35 13.82
N ILE B 77 -6.37 3.37 12.70
CA ILE B 77 -6.92 3.90 11.45
C ILE B 77 -8.10 3.05 10.97
N ASP B 78 -7.95 1.73 10.98
CA ASP B 78 -9.08 0.87 10.61
C ASP B 78 -10.28 1.13 11.52
N LEU B 79 -10.03 1.26 12.82
CA LEU B 79 -11.10 1.53 13.78
C LEU B 79 -11.81 2.84 13.47
N LEU B 80 -11.04 3.91 13.28
CA LEU B 80 -11.62 5.23 13.00
C LEU B 80 -12.52 5.16 11.78
N ALA B 81 -11.99 4.57 10.69
CA ALA B 81 -12.73 4.41 9.44
C ALA B 81 -13.99 3.55 9.64
N LYS B 82 -13.84 2.38 10.27
CA LYS B 82 -14.98 1.50 10.49
C LYS B 82 -16.07 2.19 11.30
N ASN B 83 -15.68 2.93 12.35
CA ASN B 83 -16.62 3.68 13.15
C ASN B 83 -17.41 4.66 12.29
N ALA B 84 -16.70 5.48 11.51
CA ALA B 84 -17.37 6.43 10.64
C ALA B 84 -18.26 5.73 9.63
N LYS B 85 -17.80 4.60 9.10
CA LYS B 85 -18.59 3.85 8.14
C LYS B 85 -19.75 3.09 8.78
N THR B 86 -19.82 3.05 10.12
CA THR B 86 -20.95 2.49 10.85
C THR B 86 -21.98 3.56 11.21
N TYR B 87 -21.53 4.77 11.56
CA TYR B 87 -22.49 5.81 11.92
C TYR B 87 -23.09 6.48 10.70
N ASN B 88 -22.35 6.52 9.60
CA ASN B 88 -22.79 7.14 8.36
C ASN B 88 -22.98 6.09 7.28
N GLU B 89 -24.04 6.24 6.49
CA GLU B 89 -24.42 5.24 5.50
C GLU B 89 -23.48 5.26 4.30
N PRO B 90 -23.38 4.14 3.58
CA PRO B 90 -22.60 4.14 2.33
C PRO B 90 -23.04 5.26 1.40
N GLY B 91 -22.08 5.84 0.68
CA GLY B 91 -22.39 6.90 -0.24
C GLY B 91 -22.44 8.28 0.35
N SER B 92 -22.48 8.41 1.68
CA SER B 92 -22.44 9.73 2.32
C SER B 92 -21.02 10.30 2.27
N GLN B 93 -20.90 11.61 2.51
CA GLN B 93 -19.59 12.24 2.40
C GLN B 93 -18.65 11.78 3.51
N VAL B 94 -19.16 11.62 4.73
CA VAL B 94 -18.31 11.10 5.81
C VAL B 94 -17.81 9.70 5.47
N PHE B 95 -18.73 8.80 5.09
CA PHE B 95 -18.37 7.45 4.67
C PHE B 95 -17.26 7.47 3.61
N LYS B 96 -17.44 8.25 2.55
CA LYS B 96 -16.44 8.26 1.47
C LYS B 96 -15.12 8.88 1.93
N ASP B 97 -15.19 9.88 2.82
CA ASP B 97 -13.96 10.47 3.32
C ASP B 97 -13.22 9.50 4.23
N ALA B 98 -13.97 8.70 5.01
CA ALA B 98 -13.34 7.67 5.83
C ALA B 98 -12.55 6.70 4.96
N ASN B 99 -13.17 6.19 3.89
CA ASN B 99 -12.47 5.29 3.00
C ASN B 99 -11.24 5.97 2.40
N SER B 100 -11.36 7.26 2.05
CA SER B 100 -10.26 8.00 1.45
C SER B 100 -9.05 8.07 2.39
N ILE B 101 -9.31 8.35 3.68
CA ILE B 101 -8.23 8.40 4.66
C ILE B 101 -7.54 7.05 4.78
N LYS B 102 -8.33 5.99 4.79
CA LYS B 102 -7.75 4.65 4.86
C LYS B 102 -6.90 4.36 3.63
N LYS B 103 -7.38 4.78 2.46
CA LYS B 103 -6.60 4.61 1.23
C LYS B 103 -5.27 5.38 1.30
N ILE B 104 -5.34 6.67 1.65
CA ILE B 104 -4.13 7.48 1.76
C ILE B 104 -3.15 6.84 2.72
N PHE B 105 -3.65 6.31 3.84
CA PHE B 105 -2.79 5.74 4.86
C PHE B 105 -2.07 4.48 4.34
N TYR B 106 -2.80 3.55 3.72
CA TYR B 106 -2.16 2.32 3.28
C TYR B 106 -1.27 2.55 2.05
N MET B 107 -1.61 3.54 1.22
CA MET B 107 -0.71 3.89 0.12
C MET B 107 0.62 4.43 0.66
N LYS B 108 0.56 5.33 1.63
CA LYS B 108 1.80 5.84 2.22
C LYS B 108 2.55 4.73 2.97
N LYS B 109 1.81 3.87 3.67
CA LYS B 109 2.45 2.73 4.38
C LYS B 109 3.22 1.83 3.41
N ALA B 110 2.60 1.48 2.29
CA ALA B 110 3.28 0.68 1.27
C ALA B 110 4.49 1.42 0.69
N GLU B 111 4.40 2.75 0.57
CA GLU B 111 5.48 3.54 -0.02
C GLU B 111 6.70 3.58 0.91
N ILE B 112 6.46 3.66 2.22
CA ILE B 112 7.55 3.65 3.19
C ILE B 112 8.10 2.24 3.38
N GLU B 113 7.23 1.24 3.46
CA GLU B 113 7.66 -0.11 3.79
C GLU B 113 8.35 -0.82 2.64
N HIS B 114 8.40 -0.21 1.45
CA HIS B 114 9.06 -0.81 0.30
C HIS B 114 10.03 0.13 -0.41
N HIS B 115 10.39 1.26 0.21
CA HIS B 115 11.31 2.19 -0.44
C HIS B 115 12.61 1.50 -0.83
N GLU B 116 13.18 1.92 -1.97
CA GLU B 116 14.40 1.30 -2.48
C GLU B 116 15.64 1.80 -1.75
C1 QMT C . 19.73 -9.64 -14.88
N2 QMT C . 18.23 -10.08 -12.60
C3 QMT C . 21.08 -7.93 -17.81
C4 QMT C . 22.48 -8.54 -17.94
C5 QMT C . 22.92 -9.17 -16.63
C6 QMT C . 24.14 -7.39 -15.47
C7 QMT C . 25.34 -7.75 -16.03
N QMT C . 21.48 -8.90 -13.37
C QMT C . 20.25 -9.42 -13.59
O QMT C . 23.00 -8.15 -15.59
C10 QMT C . 25.14 -5.41 -14.58
C11 QMT C . 24.03 -6.21 -14.74
C12 QMT C . 21.90 -10.18 -16.15
C13 QMT C . 18.41 -10.06 -14.99
C14 QMT C . 17.68 -10.27 -13.81
C15 QMT C . 16.24 -10.66 -13.82
C16 QMT C . 15.59 -11.10 -12.66
C17 QMT C . 14.24 -11.45 -12.69
C18 QMT C . 13.53 -11.36 -13.88
C19 QMT C . 14.16 -10.95 -15.03
C2 QMT C . 20.09 -8.94 -17.25
C20 QMT C . 15.50 -10.60 -15.00
C8 QMT C . 26.44 -6.94 -15.87
C9 QMT C . 26.34 -5.76 -15.14
N1 QMT C . 20.60 -9.53 -16.02
N3 QMT C . 19.51 -9.66 -12.48
O1 QMT C . 16.25 -11.18 -11.48
C1 QMT D . -19.63 13.14 12.57
N2 QMT D . -18.38 10.72 12.23
C3 QMT D . -20.36 16.74 12.40
C4 QMT D . -21.82 16.74 12.81
C5 QMT D . -22.47 15.40 12.56
C6 QMT D . -23.44 15.28 10.32
C7 QMT D . -23.22 15.27 8.95
N QMT D . -21.26 12.29 11.00
C QMT D . -20.16 12.12 11.74
O QMT D . -22.34 15.09 11.14
C10 QMT D . -25.75 15.77 9.96
C11 QMT D . -24.70 15.52 10.83
C12 QMT D . -21.73 14.29 13.28
C13 QMT D . -18.41 12.91 13.18
C14 QMT D . -17.80 11.68 12.98
C15 QMT D . -16.47 11.35 13.53
C16 QMT D . -15.96 10.05 13.52
C17 QMT D . -14.67 9.78 13.96
C18 QMT D . -13.88 10.82 14.44
C19 QMT D . -14.37 12.10 14.48
C2 QMT D . -19.63 15.56 13.02
C20 QMT D . -15.66 12.37 14.04
C8 QMT D . -24.28 15.51 8.09
C9 QMT D . -25.54 15.77 8.60
N1 QMT D . -20.36 14.32 12.78
N3 QMT D . -19.55 10.95 11.61
O1 QMT D . -16.76 9.04 13.07
C1 EDO E . 9.93 0.01 18.48
O1 EDO E . 11.11 0.57 19.09
C2 EDO E . 8.73 0.58 19.23
O2 EDO E . 9.20 1.40 20.30
#